data_8JX4
#
_entry.id   8JX4
#
_cell.length_a   53.285
_cell.length_b   68.114
_cell.length_c   108.844
_cell.angle_alpha   90.00
_cell.angle_beta   102.03
_cell.angle_gamma   90.00
#
_symmetry.space_group_name_H-M   'P 1 2 1'
#
loop_
_entity.id
_entity.type
_entity.pdbx_description
1 polymer PeiW
2 non-polymer 'D-GLUTAMIC ACID'
3 non-polymer ALANINE
4 water water
#
_entity_poly.entity_id   1
_entity_poly.type   'polypeptide(L)'
_entity_poly.pdbx_seq_one_letter_code
;HHMQPQPSLKGHWTTKVIEKIGTFHDATSLYERVKKTCKYKYYYNDQVPNHVAVMRMTTSGINCTDACQLFSKVLEEMGY
EVKIEHVRVKCNDGKWYGHYLLRVGGFELKDGTIWDYVSATKTGRPLGVPCCTAGFQHLGWGIVGPVYDK
;
_entity_poly.pdbx_strand_id   A,B,C,D
#
# COMPACT_ATOMS: atom_id res chain seq x y z
N MET A 3 -1.88 -23.38 23.58
CA MET A 3 -0.72 -22.63 24.03
C MET A 3 -0.90 -21.16 23.67
N GLN A 4 0.17 -20.30 23.94
CA GLN A 4 -0.01 -18.90 23.58
C GLN A 4 0.41 -18.65 22.13
N PRO A 5 -0.24 -17.68 21.47
CA PRO A 5 0.03 -17.46 20.03
C PRO A 5 1.46 -17.00 19.78
N GLN A 6 2.02 -17.48 18.69
CA GLN A 6 3.39 -17.21 18.30
C GLN A 6 3.41 -16.62 16.90
N PRO A 7 4.48 -15.94 16.53
CA PRO A 7 4.53 -15.34 15.19
C PRO A 7 4.34 -16.38 14.09
N SER A 8 3.60 -15.99 13.05
CA SER A 8 3.38 -16.87 11.91
C SER A 8 4.60 -16.81 11.01
N LEU A 9 5.10 -18.01 10.66
CA LEU A 9 6.19 -18.19 9.74
C LEU A 9 5.72 -18.57 8.34
N LYS A 10 4.45 -18.37 8.05
CA LYS A 10 3.91 -18.89 6.79
C LYS A 10 4.04 -17.91 5.62
N GLY A 11 4.26 -16.61 5.90
CA GLY A 11 4.09 -15.59 4.89
C GLY A 11 5.05 -15.70 3.71
N HIS A 12 4.66 -15.03 2.62
CA HIS A 12 5.44 -15.13 1.39
C HIS A 12 6.85 -14.63 1.60
N TRP A 13 6.97 -13.39 2.09
CA TRP A 13 8.30 -12.80 2.16
C TRP A 13 9.10 -13.41 3.30
N THR A 14 8.43 -13.84 4.38
CA THR A 14 9.12 -14.57 5.43
C THR A 14 9.80 -15.81 4.87
N THR A 15 9.09 -16.54 4.03
CA THR A 15 9.64 -17.80 3.55
C THR A 15 10.88 -17.56 2.71
N LYS A 16 10.86 -16.54 1.86
CA LYS A 16 12.04 -16.30 1.05
C LYS A 16 13.21 -15.79 1.88
N VAL A 17 12.94 -15.19 3.03
CA VAL A 17 14.03 -14.74 3.91
C VAL A 17 14.60 -15.91 4.70
N ILE A 18 13.72 -16.74 5.26
CA ILE A 18 14.15 -18.01 5.88
C ILE A 18 15.08 -18.76 4.93
N GLU A 19 14.65 -18.98 3.69
CA GLU A 19 15.47 -19.69 2.71
C GLU A 19 16.87 -19.10 2.57
N LYS A 20 17.02 -17.78 2.73
CA LYS A 20 18.30 -17.16 2.46
C LYS A 20 19.20 -17.01 3.69
N ILE A 21 18.66 -16.86 4.90
CA ILE A 21 19.47 -16.52 6.05
C ILE A 21 19.39 -17.54 7.20
N GLY A 22 18.58 -18.58 7.07
CA GLY A 22 18.34 -19.45 8.18
C GLY A 22 16.99 -19.19 8.84
N THR A 23 16.59 -20.18 9.64
CA THR A 23 15.37 -20.16 10.42
C THR A 23 15.41 -19.07 11.48
N PHE A 24 14.25 -18.48 11.72
CA PHE A 24 13.99 -17.66 12.89
C PHE A 24 12.54 -17.92 13.29
N HIS A 25 12.21 -17.59 14.53
CA HIS A 25 10.85 -17.81 15.02
C HIS A 25 10.14 -16.52 15.42
N ASP A 26 10.87 -15.40 15.54
CA ASP A 26 10.26 -14.14 15.92
C ASP A 26 11.20 -13.00 15.57
N ALA A 27 10.72 -11.77 15.79
CA ALA A 27 11.45 -10.57 15.40
C ALA A 27 12.83 -10.48 16.05
N THR A 28 12.95 -10.98 17.28
CA THR A 28 14.25 -11.00 17.96
C THR A 28 15.21 -11.96 17.26
N SER A 29 14.81 -13.22 17.06
CA SER A 29 15.71 -14.14 16.37
C SER A 29 15.98 -13.70 14.93
N LEU A 30 14.94 -13.27 14.21
CA LEU A 30 15.13 -12.59 12.93
C LEU A 30 16.30 -11.60 12.98
N TYR A 31 16.23 -10.63 13.90
CA TYR A 31 17.29 -9.63 14.08
C TYR A 31 18.66 -10.29 14.21
N GLU A 32 18.73 -11.39 14.97
CA GLU A 32 20.00 -12.06 15.20
C GLU A 32 20.50 -12.78 13.94
N ARG A 33 19.61 -13.44 13.19
CA ARG A 33 20.05 -14.04 11.92
C ARG A 33 20.47 -12.98 10.90
N VAL A 34 19.72 -11.88 10.82
CA VAL A 34 20.15 -10.74 10.00
C VAL A 34 21.53 -10.26 10.45
N LYS A 35 21.64 -9.91 11.74
CA LYS A 35 22.91 -9.55 12.35
C LYS A 35 24.03 -10.50 11.92
N LYS A 36 23.71 -11.77 11.67
CA LYS A 36 24.70 -12.79 11.31
C LYS A 36 24.91 -12.99 9.81
N THR A 37 23.93 -12.71 8.99
CA THR A 37 24.05 -13.02 7.58
C THR A 37 24.18 -11.79 6.66
N CYS A 38 23.59 -10.65 7.01
CA CYS A 38 23.37 -9.58 6.04
C CYS A 38 24.38 -8.44 6.16
N LYS A 39 24.35 -7.56 5.14
CA LYS A 39 25.34 -6.49 4.98
C LYS A 39 24.64 -5.18 4.61
N TYR A 40 25.30 -4.07 5.00
CA TYR A 40 24.85 -2.72 4.68
C TYR A 40 25.60 -2.22 3.44
N LYS A 41 24.85 -1.77 2.45
CA LYS A 41 25.43 -1.16 1.25
C LYS A 41 24.70 0.16 1.04
N TYR A 42 25.47 1.23 0.88
CA TYR A 42 24.88 2.54 0.70
C TYR A 42 24.81 2.87 -0.77
N TYR A 43 23.63 3.33 -1.23
CA TYR A 43 23.44 3.85 -2.61
C TYR A 43 22.37 4.94 -2.62
N TYR A 44 22.65 6.04 -1.94
CA TYR A 44 21.85 7.29 -2.01
C TYR A 44 20.43 7.00 -1.53
N ASN A 45 19.42 7.25 -2.34
CA ASN A 45 18.02 7.05 -1.97
C ASN A 45 17.38 5.97 -2.81
N ASP A 46 18.18 5.21 -3.55
CA ASP A 46 17.64 4.31 -4.56
C ASP A 46 17.11 3.04 -3.89
N GLN A 47 16.15 2.42 -4.55
CA GLN A 47 15.52 1.21 -4.07
C GLN A 47 15.62 0.12 -5.12
N VAL A 48 15.34 -1.11 -4.69
CA VAL A 48 15.22 -2.25 -5.60
C VAL A 48 13.97 -3.03 -5.22
N PRO A 49 13.45 -3.91 -6.09
CA PRO A 49 12.36 -4.81 -5.66
C PRO A 49 12.78 -5.75 -4.52
N ASN A 50 11.80 -6.11 -3.71
CA ASN A 50 12.06 -6.96 -2.54
C ASN A 50 12.76 -8.25 -2.93
N HIS A 51 12.36 -8.87 -4.04
CA HIS A 51 13.06 -10.10 -4.42
C HIS A 51 14.52 -9.83 -4.75
N VAL A 52 14.85 -8.64 -5.27
CA VAL A 52 16.23 -8.24 -5.47
C VAL A 52 16.94 -8.01 -4.14
N ALA A 53 16.26 -7.36 -3.19
CA ALA A 53 16.88 -7.15 -1.88
C ALA A 53 17.19 -8.47 -1.21
N VAL A 54 16.28 -9.45 -1.33
CA VAL A 54 16.50 -10.75 -0.73
C VAL A 54 17.74 -11.41 -1.32
N MET A 55 17.93 -11.26 -2.63
CA MET A 55 19.11 -11.82 -3.26
C MET A 55 20.38 -11.10 -2.84
N ARG A 56 20.34 -9.76 -2.72
CA ARG A 56 21.58 -8.98 -2.49
C ARG A 56 21.98 -8.90 -1.02
N MET A 57 21.05 -9.11 -0.10
CA MET A 57 21.26 -8.62 1.25
C MET A 57 22.40 -9.36 1.96
N THR A 58 22.72 -10.59 1.56
CA THR A 58 23.85 -11.28 2.17
C THR A 58 25.12 -11.22 1.30
N THR A 59 24.97 -10.84 0.03
CA THR A 59 26.14 -10.77 -0.85
C THR A 59 26.61 -9.34 -0.95
N SER A 60 26.08 -8.57 -1.89
CA SER A 60 26.59 -7.20 -2.04
C SER A 60 26.01 -6.22 -1.02
N GLY A 61 24.86 -6.54 -0.40
CA GLY A 61 24.27 -5.75 0.66
C GLY A 61 23.17 -4.81 0.17
N ILE A 62 22.35 -4.34 1.13
CA ILE A 62 21.24 -3.42 0.86
C ILE A 62 21.30 -2.26 1.84
N ASN A 63 20.53 -1.22 1.53
CA ASN A 63 20.53 -0.03 2.37
C ASN A 63 19.32 -0.03 3.30
N CYS A 64 19.25 0.99 4.15
CA CYS A 64 18.18 1.04 5.15
C CYS A 64 16.82 1.17 4.49
N THR A 65 16.76 1.81 3.33
CA THR A 65 15.46 1.99 2.68
C THR A 65 14.92 0.66 2.18
N ASP A 66 15.74 -0.08 1.44
CA ASP A 66 15.33 -1.40 0.97
C ASP A 66 15.11 -2.35 2.14
N ALA A 67 16.03 -2.34 3.11
CA ALA A 67 15.90 -3.24 4.26
C ALA A 67 14.59 -3.00 5.00
N CYS A 68 14.22 -1.74 5.20
CA CYS A 68 12.93 -1.43 5.80
C CYS A 68 11.78 -1.89 4.90
N GLN A 69 11.94 -1.79 3.60
CA GLN A 69 10.84 -2.25 2.75
C GLN A 69 10.64 -3.74 2.89
N LEU A 70 11.72 -4.50 2.88
CA LEU A 70 11.55 -5.93 2.90
C LEU A 70 11.18 -6.41 4.31
N PHE A 71 11.89 -5.94 5.31
CA PHE A 71 11.70 -6.51 6.63
C PHE A 71 10.39 -6.08 7.27
N SER A 72 9.84 -4.93 6.86
CA SER A 72 8.52 -4.59 7.34
C SER A 72 7.48 -5.55 6.78
N LYS A 73 7.63 -5.99 5.52
CA LYS A 73 6.73 -6.99 4.98
C LYS A 73 6.85 -8.29 5.76
N VAL A 74 8.09 -8.71 6.03
CA VAL A 74 8.31 -9.94 6.79
C VAL A 74 7.65 -9.83 8.15
N LEU A 75 7.90 -8.74 8.86
CA LEU A 75 7.35 -8.63 10.20
C LEU A 75 5.83 -8.47 10.21
N GLU A 76 5.22 -7.99 9.12
CA GLU A 76 3.77 -7.92 9.14
C GLU A 76 3.14 -9.26 8.81
N GLU A 77 3.77 -10.02 7.92
CA GLU A 77 3.39 -11.41 7.72
C GLU A 77 3.45 -12.16 9.04
N MET A 78 4.52 -11.97 9.80
CA MET A 78 4.63 -12.64 11.08
C MET A 78 3.57 -12.22 12.07
N GLY A 79 2.93 -11.09 11.87
CA GLY A 79 1.85 -10.67 12.73
C GLY A 79 2.18 -9.50 13.62
N TYR A 80 3.36 -8.91 13.45
CA TYR A 80 3.76 -7.77 14.26
C TYR A 80 3.07 -6.52 13.76
N GLU A 81 2.88 -5.56 14.67
CA GLU A 81 2.62 -4.18 14.28
C GLU A 81 3.94 -3.51 13.88
N VAL A 82 3.98 -2.99 12.65
CA VAL A 82 5.19 -2.42 12.06
C VAL A 82 4.92 -1.02 11.52
N LYS A 83 5.89 -0.14 11.66
CA LYS A 83 5.83 1.18 11.02
C LYS A 83 7.26 1.56 10.67
N ILE A 84 7.51 1.84 9.39
CA ILE A 84 8.79 2.41 9.02
C ILE A 84 8.83 3.88 9.44
N GLU A 85 9.87 4.25 10.18
CA GLU A 85 10.07 5.61 10.68
C GLU A 85 11.25 6.25 9.97
N HIS A 86 11.04 7.48 9.50
CA HIS A 86 12.11 8.29 8.93
C HIS A 86 12.65 9.22 10.02
N VAL A 87 13.95 9.15 10.28
CA VAL A 87 14.61 9.87 11.37
C VAL A 87 15.95 10.41 10.88
N ARG A 88 16.62 11.15 11.75
CA ARG A 88 18.01 11.55 11.54
C ARG A 88 18.78 11.15 12.79
N VAL A 89 19.92 10.50 12.63
CA VAL A 89 20.68 10.09 13.80
C VAL A 89 21.99 10.84 13.81
N LYS A 90 22.46 11.14 15.02
CA LYS A 90 23.76 11.74 15.19
C LYS A 90 24.73 10.66 15.65
N CYS A 91 25.83 10.52 14.93
CA CYS A 91 26.83 9.49 15.22
C CYS A 91 27.99 10.12 15.99
N ASN A 92 28.92 9.27 16.40
CA ASN A 92 30.04 9.68 17.22
C ASN A 92 31.04 10.54 16.48
N ASP A 93 30.94 10.63 15.17
CA ASP A 93 31.75 11.54 14.37
C ASP A 93 31.18 12.96 14.32
N GLY A 94 30.04 13.21 14.95
CA GLY A 94 29.51 14.56 15.00
C GLY A 94 28.51 14.89 13.92
N LYS A 95 28.43 14.08 12.86
CA LYS A 95 27.51 14.31 11.76
C LYS A 95 26.12 13.72 12.05
N TRP A 96 25.11 14.38 11.50
CA TRP A 96 23.76 13.86 11.41
C TRP A 96 23.57 13.09 10.12
N TYR A 97 22.80 12.01 10.16
CA TYR A 97 22.52 11.27 8.94
C TYR A 97 21.04 11.02 8.83
N GLY A 98 20.48 11.18 7.63
CA GLY A 98 19.13 10.73 7.39
C GLY A 98 19.09 9.22 7.43
N HIS A 99 17.95 8.66 7.85
CA HIS A 99 17.95 7.24 8.23
C HIS A 99 16.54 6.72 8.29
N TYR A 100 16.35 5.45 7.90
CA TYR A 100 15.09 4.73 8.09
C TYR A 100 15.33 3.55 9.01
N LEU A 101 14.46 3.40 10.00
CA LEU A 101 14.44 2.22 10.85
C LEU A 101 13.01 1.75 10.97
N LEU A 102 12.81 0.59 11.60
CA LEU A 102 11.48 0.04 11.83
C LEU A 102 11.06 0.24 13.28
N ARG A 103 9.78 0.50 13.48
CA ARG A 103 9.15 0.46 14.79
C ARG A 103 8.24 -0.75 14.82
N VAL A 104 8.48 -1.65 15.78
CA VAL A 104 7.84 -2.96 15.83
C VAL A 104 7.35 -3.23 17.24
N GLY A 105 6.13 -3.76 17.36
CA GLY A 105 5.60 -4.17 18.65
C GLY A 105 4.69 -5.38 18.55
N GLY A 106 4.47 -6.00 19.69
CA GLY A 106 3.68 -7.22 19.77
C GLY A 106 4.54 -8.43 20.09
N PHE A 107 3.84 -9.52 20.42
CA PHE A 107 4.43 -10.77 20.92
C PHE A 107 5.42 -10.49 22.03
N GLU A 108 6.70 -10.80 21.79
CA GLU A 108 7.77 -10.55 22.76
C GLU A 108 8.36 -9.14 22.68
N LEU A 109 8.00 -8.34 21.68
CA LEU A 109 8.48 -6.96 21.58
C LEU A 109 7.46 -6.01 22.20
N LYS A 110 7.96 -5.10 23.02
CA LYS A 110 7.14 -4.01 23.52
C LYS A 110 6.81 -3.08 22.36
N ASP A 111 5.76 -2.30 22.54
CA ASP A 111 5.34 -1.39 21.46
C ASP A 111 6.40 -0.33 21.18
N GLY A 112 6.47 0.07 19.91
CA GLY A 112 7.45 1.05 19.48
C GLY A 112 8.92 0.64 19.60
N THR A 113 9.22 -0.66 19.70
CA THR A 113 10.59 -1.13 19.79
C THR A 113 11.34 -0.82 18.49
N ILE A 114 12.56 -0.29 18.60
CA ILE A 114 13.36 -0.04 17.40
C ILE A 114 13.94 -1.35 16.88
N TRP A 115 13.79 -1.57 15.58
CA TRP A 115 14.30 -2.74 14.87
C TRP A 115 15.08 -2.14 13.71
N ASP A 116 16.38 -1.95 13.89
CA ASP A 116 17.20 -1.14 12.99
C ASP A 116 18.19 -2.00 12.22
N TYR A 117 17.89 -2.23 10.93
CA TYR A 117 18.77 -3.02 10.05
C TYR A 117 20.23 -2.59 10.20
N VAL A 118 20.50 -1.28 10.27
CA VAL A 118 21.87 -0.76 10.24
C VAL A 118 22.57 -1.05 11.56
N SER A 119 21.85 -0.99 12.68
CA SER A 119 22.45 -1.47 13.92
C SER A 119 22.87 -2.93 13.76
N ALA A 120 22.01 -3.75 13.13
CA ALA A 120 22.22 -5.20 13.08
C ALA A 120 23.47 -5.56 12.31
N THR A 121 23.71 -4.85 11.19
CA THR A 121 24.68 -5.22 10.17
C THR A 121 25.89 -4.31 10.09
N LYS A 122 25.80 -3.08 10.60
CA LYS A 122 26.89 -2.14 10.37
C LYS A 122 27.45 -1.58 11.67
N THR A 123 26.64 -0.98 12.52
CA THR A 123 27.19 -0.34 13.71
C THR A 123 27.15 -1.25 14.92
N GLY A 124 26.53 -2.42 14.80
CA GLY A 124 26.59 -3.40 15.87
C GLY A 124 25.93 -2.96 17.15
N ARG A 125 24.88 -2.24 17.05
CA ARG A 125 24.15 -1.99 18.26
C ARG A 125 23.05 -3.02 18.40
N PRO A 126 22.63 -3.33 19.62
CA PRO A 126 21.68 -4.42 19.82
C PRO A 126 20.27 -4.04 19.38
N LEU A 127 19.40 -5.03 19.37
CA LEU A 127 17.99 -4.81 19.08
C LEU A 127 17.44 -3.73 19.99
N GLY A 128 16.52 -2.93 19.45
CA GLY A 128 15.94 -1.86 20.22
C GLY A 128 16.75 -0.59 20.21
N VAL A 129 17.88 -0.57 19.52
CA VAL A 129 18.76 0.59 19.58
C VAL A 129 19.12 1.03 18.17
N PRO A 130 18.89 2.29 17.82
CA PRO A 130 19.19 2.76 16.47
C PRO A 130 20.68 2.76 16.22
N CYS A 131 21.05 2.83 14.94
CA CYS A 131 22.44 2.55 14.56
C CYS A 131 23.43 3.57 15.10
N CYS A 132 22.98 4.80 15.39
CA CYS A 132 23.79 5.78 16.11
C CYS A 132 22.96 6.35 17.25
N THR A 133 23.61 6.67 18.37
CA THR A 133 22.88 7.11 19.55
C THR A 133 23.24 8.52 20.03
N ALA A 134 24.19 9.20 19.39
CA ALA A 134 24.56 10.53 19.85
C ALA A 134 23.40 11.52 19.73
N GLY A 135 22.50 11.31 18.77
CA GLY A 135 21.35 12.20 18.67
C GLY A 135 20.28 11.63 17.76
N PHE A 136 19.05 12.07 18.02
CA PHE A 136 17.85 11.54 17.40
C PHE A 136 16.92 12.69 17.04
N GLN A 137 16.28 12.61 15.85
CA GLN A 137 15.10 13.43 15.56
C GLN A 137 14.14 12.65 14.65
N HIS A 138 12.94 12.42 15.15
CA HIS A 138 11.86 11.96 14.28
C HIS A 138 11.64 12.95 13.13
N LEU A 139 11.46 12.41 11.92
CA LEU A 139 11.10 13.21 10.76
C LEU A 139 9.71 12.90 10.22
N GLY A 140 9.25 11.66 10.37
CA GLY A 140 7.98 11.24 9.84
C GLY A 140 7.89 9.74 9.67
N TRP A 141 6.71 9.31 9.24
CA TRP A 141 6.38 7.91 9.05
C TRP A 141 6.31 7.61 7.55
N GLY A 142 6.96 6.55 7.11
CA GLY A 142 6.96 6.11 5.73
C GLY A 142 8.22 6.51 5.00
N ILE A 143 8.36 5.95 3.78
CA ILE A 143 9.44 6.34 2.86
C ILE A 143 9.00 7.56 2.05
N VAL A 144 9.91 8.51 1.85
CA VAL A 144 9.60 9.62 0.95
C VAL A 144 9.39 9.09 -0.46
N GLY A 145 8.34 9.57 -1.13
CA GLY A 145 8.03 9.09 -2.46
C GLY A 145 8.86 9.77 -3.53
N PRO A 146 8.60 9.42 -4.78
CA PRO A 146 9.28 10.07 -5.90
C PRO A 146 8.69 11.45 -6.18
N VAL A 147 9.48 12.27 -6.84
CA VAL A 147 8.99 13.58 -7.26
C VAL A 147 8.18 13.45 -8.54
N TYR A 148 7.23 14.36 -8.71
CA TYR A 148 6.47 14.51 -9.95
C TYR A 148 6.58 15.97 -10.37
N ASP A 149 6.87 16.23 -11.63
CA ASP A 149 6.78 17.59 -12.14
C ASP A 149 6.67 17.57 -13.66
N LYS A 150 6.73 18.76 -14.26
CA LYS A 150 6.37 19.04 -15.65
C LYS A 150 4.92 18.64 -15.90
N GLN B 4 17.43 -4.27 -52.51
CA GLN B 4 17.82 -4.34 -51.10
C GLN B 4 17.63 -5.80 -50.66
N PRO B 5 18.12 -6.15 -49.44
CA PRO B 5 17.81 -7.45 -48.88
C PRO B 5 16.53 -7.48 -48.04
N GLN B 6 15.61 -8.49 -48.36
CA GLN B 6 14.54 -8.19 -47.40
C GLN B 6 14.61 -9.11 -46.19
N PRO B 7 14.16 -8.66 -45.03
CA PRO B 7 14.00 -9.59 -43.91
C PRO B 7 13.06 -10.71 -44.31
N SER B 8 13.46 -11.94 -43.97
CA SER B 8 12.67 -13.12 -44.27
C SER B 8 11.53 -13.29 -43.27
N LEU B 9 10.37 -13.72 -43.74
CA LEU B 9 9.22 -13.95 -42.88
C LEU B 9 8.77 -15.40 -42.91
N LYS B 10 9.65 -16.29 -43.34
CA LYS B 10 9.35 -17.70 -43.48
C LYS B 10 9.63 -18.47 -42.19
N GLY B 11 9.97 -17.78 -41.10
CA GLY B 11 10.40 -18.45 -39.91
C GLY B 11 9.26 -19.14 -39.17
N HIS B 12 9.66 -20.09 -38.31
CA HIS B 12 8.71 -20.81 -37.48
C HIS B 12 8.07 -19.90 -36.45
N TRP B 13 8.88 -19.35 -35.54
CA TRP B 13 8.33 -18.41 -34.55
C TRP B 13 7.76 -17.16 -35.23
N THR B 14 8.43 -16.67 -36.28
CA THR B 14 7.91 -15.53 -37.02
C THR B 14 6.44 -15.77 -37.39
N THR B 15 6.12 -16.93 -37.98
CA THR B 15 4.76 -17.13 -38.47
C THR B 15 3.79 -17.51 -37.36
N LYS B 16 4.24 -18.24 -36.35
CA LYS B 16 3.41 -18.39 -35.15
C LYS B 16 3.07 -17.02 -34.56
N VAL B 17 4.02 -16.09 -34.62
CA VAL B 17 3.76 -14.76 -34.13
C VAL B 17 2.81 -14.02 -35.08
N ILE B 18 3.10 -14.08 -36.40
CA ILE B 18 2.16 -13.53 -37.37
C ILE B 18 0.75 -14.07 -37.13
N GLU B 19 0.66 -15.35 -36.79
CA GLU B 19 -0.64 -15.96 -36.56
C GLU B 19 -1.36 -15.31 -35.39
N LYS B 20 -0.63 -14.78 -34.41
CA LYS B 20 -1.27 -14.24 -33.23
C LYS B 20 -1.44 -12.73 -33.28
N ILE B 21 -0.45 -12.00 -33.80
CA ILE B 21 -0.48 -10.54 -33.73
C ILE B 21 -0.71 -9.87 -35.07
N GLY B 22 -0.59 -10.59 -36.18
CA GLY B 22 -0.83 -9.99 -37.49
C GLY B 22 0.45 -9.77 -38.27
N THR B 23 0.28 -9.18 -39.44
CA THR B 23 1.36 -9.07 -40.41
C THR B 23 2.35 -7.96 -40.05
N PHE B 24 3.64 -8.24 -40.24
CA PHE B 24 4.72 -7.28 -40.11
C PHE B 24 5.75 -7.65 -41.17
N HIS B 25 6.80 -6.85 -41.32
CA HIS B 25 7.76 -7.19 -42.38
C HIS B 25 9.19 -6.79 -42.02
N ASP B 26 9.38 -6.14 -40.88
CA ASP B 26 10.72 -5.86 -40.38
C ASP B 26 10.64 -5.68 -38.86
N ALA B 27 11.78 -5.37 -38.25
CA ALA B 27 11.78 -5.17 -36.80
C ALA B 27 10.93 -3.95 -36.40
N THR B 28 10.83 -2.94 -37.26
CA THR B 28 10.08 -1.75 -36.89
C THR B 28 8.57 -2.02 -36.92
N SER B 29 8.08 -2.60 -38.02
CA SER B 29 6.66 -2.91 -38.12
C SER B 29 6.25 -4.03 -37.17
N LEU B 30 7.17 -4.91 -36.77
CA LEU B 30 6.84 -5.86 -35.70
C LEU B 30 6.63 -5.12 -34.38
N TYR B 31 7.59 -4.27 -34.02
CA TYR B 31 7.47 -3.46 -32.80
C TYR B 31 6.11 -2.77 -32.72
N GLU B 32 5.67 -2.13 -33.82
CA GLU B 32 4.36 -1.47 -33.79
C GLU B 32 3.24 -2.47 -33.59
N ARG B 33 3.35 -3.66 -34.19
CA ARG B 33 2.35 -4.69 -33.96
C ARG B 33 2.32 -5.12 -32.50
N VAL B 34 3.48 -5.44 -31.93
CA VAL B 34 3.51 -5.79 -30.51
C VAL B 34 2.93 -4.66 -29.66
N LYS B 35 3.29 -3.42 -29.98
CA LYS B 35 2.78 -2.23 -29.32
C LYS B 35 1.26 -2.32 -29.23
N LYS B 36 0.63 -2.83 -30.29
CA LYS B 36 -0.81 -2.79 -30.45
C LYS B 36 -1.52 -4.07 -29.98
N THR B 37 -0.80 -5.15 -29.76
CA THR B 37 -1.47 -6.42 -29.50
C THR B 37 -1.01 -7.05 -28.19
N CYS B 38 0.29 -6.99 -27.93
CA CYS B 38 0.88 -7.80 -26.88
C CYS B 38 0.81 -7.11 -25.52
N LYS B 39 0.78 -7.92 -24.47
CA LYS B 39 0.60 -7.42 -23.11
C LYS B 39 1.77 -7.85 -22.22
N TYR B 40 2.03 -7.05 -21.19
CA TYR B 40 3.09 -7.29 -20.22
C TYR B 40 2.53 -7.73 -18.88
N LYS B 41 3.22 -8.67 -18.22
CA LYS B 41 2.88 -9.09 -16.86
C LYS B 41 4.15 -9.25 -16.02
N TYR B 42 4.13 -8.73 -14.79
CA TYR B 42 5.29 -8.74 -13.90
C TYR B 42 5.40 -10.07 -13.18
N TYR B 43 6.28 -10.94 -13.68
CA TYR B 43 6.79 -12.03 -12.87
C TYR B 43 8.29 -12.12 -13.09
N TYR B 44 8.98 -12.74 -12.13
CA TYR B 44 10.40 -12.97 -12.24
C TYR B 44 10.70 -14.41 -11.85
N ASN B 45 11.84 -14.91 -12.32
CA ASN B 45 12.35 -16.26 -12.01
C ASN B 45 11.25 -17.33 -12.12
N ASP B 46 10.60 -17.33 -13.29
CA ASP B 46 9.77 -18.42 -13.78
C ASP B 46 9.63 -18.19 -15.29
N GLN B 47 9.92 -19.19 -16.10
CA GLN B 47 9.93 -19.00 -17.54
C GLN B 47 8.96 -19.98 -18.20
N VAL B 48 8.87 -19.91 -19.52
CA VAL B 48 7.80 -20.58 -20.22
C VAL B 48 8.23 -20.91 -21.65
N PRO B 49 7.93 -22.11 -22.16
CA PRO B 49 8.26 -22.42 -23.54
C PRO B 49 7.73 -21.35 -24.47
N ASN B 50 8.39 -21.21 -25.62
CA ASN B 50 8.01 -20.18 -26.58
C ASN B 50 6.59 -20.37 -27.08
N HIS B 51 6.12 -21.61 -27.24
CA HIS B 51 4.76 -21.81 -27.75
C HIS B 51 3.73 -21.39 -26.72
N VAL B 52 4.10 -21.43 -25.44
CA VAL B 52 3.19 -20.92 -24.43
C VAL B 52 3.24 -19.39 -24.40
N ALA B 53 4.44 -18.83 -24.59
CA ALA B 53 4.59 -17.37 -24.62
C ALA B 53 3.73 -16.73 -25.72
N VAL B 54 3.63 -17.40 -26.87
CA VAL B 54 2.77 -16.93 -27.96
C VAL B 54 1.30 -16.88 -27.52
N MET B 55 0.82 -17.91 -26.79
CA MET B 55 -0.59 -17.91 -26.41
C MET B 55 -0.89 -16.91 -25.32
N ARG B 56 0.10 -16.55 -24.52
CA ARG B 56 -0.21 -15.69 -23.40
C ARG B 56 -0.01 -14.20 -23.68
N MET B 57 0.86 -13.86 -24.63
CA MET B 57 1.35 -12.49 -24.73
C MET B 57 0.30 -11.52 -25.25
N THR B 58 -0.80 -12.01 -25.84
CA THR B 58 -1.90 -11.12 -26.21
C THR B 58 -3.07 -11.30 -25.29
N THR B 59 -2.88 -11.98 -24.17
CA THR B 59 -4.02 -12.34 -23.36
C THR B 59 -3.66 -12.03 -21.92
N SER B 60 -2.99 -12.95 -21.24
CA SER B 60 -2.55 -12.66 -19.88
C SER B 60 -1.24 -11.91 -19.85
N GLY B 61 -0.46 -11.97 -20.91
CA GLY B 61 0.78 -11.23 -20.93
C GLY B 61 1.98 -12.10 -20.54
N ILE B 62 3.16 -11.59 -20.84
CA ILE B 62 4.40 -12.27 -20.53
C ILE B 62 5.39 -11.23 -19.97
N ASN B 63 6.49 -11.73 -19.39
CA ASN B 63 7.49 -10.85 -18.79
C ASN B 63 8.63 -10.60 -19.79
N CYS B 64 9.61 -9.79 -19.36
CA CYS B 64 10.73 -9.45 -20.25
C CYS B 64 11.57 -10.67 -20.61
N THR B 65 11.69 -11.66 -19.71
CA THR B 65 12.49 -12.84 -20.03
C THR B 65 11.83 -13.65 -21.14
N ASP B 66 10.55 -14.00 -20.97
CA ASP B 66 9.87 -14.76 -22.00
C ASP B 66 9.84 -13.99 -23.32
N ALA B 67 9.61 -12.68 -23.28
CA ALA B 67 9.58 -11.86 -24.49
C ALA B 67 10.90 -11.94 -25.26
N CYS B 68 12.01 -11.63 -24.58
CA CYS B 68 13.32 -11.73 -25.22
C CYS B 68 13.56 -13.12 -25.81
N GLN B 69 13.18 -14.19 -25.09
CA GLN B 69 13.39 -15.53 -25.61
C GLN B 69 12.60 -15.76 -26.89
N LEU B 70 11.41 -15.21 -26.97
CA LEU B 70 10.59 -15.40 -28.16
C LEU B 70 11.05 -14.52 -29.32
N PHE B 71 11.14 -13.20 -29.09
CA PHE B 71 11.40 -12.29 -30.18
C PHE B 71 12.86 -12.29 -30.66
N SER B 72 13.81 -12.66 -29.80
CA SER B 72 15.17 -12.90 -30.32
C SER B 72 15.16 -13.97 -31.39
N LYS B 73 14.29 -14.98 -31.23
CA LYS B 73 14.24 -16.00 -32.27
C LYS B 73 13.53 -15.48 -33.51
N VAL B 74 12.42 -14.76 -33.36
CA VAL B 74 11.75 -14.18 -34.52
C VAL B 74 12.69 -13.23 -35.28
N LEU B 75 13.37 -12.35 -34.57
CA LEU B 75 14.23 -11.39 -35.26
C LEU B 75 15.42 -12.06 -35.93
N GLU B 76 15.90 -13.16 -35.35
CA GLU B 76 17.03 -13.87 -35.94
C GLU B 76 16.58 -14.66 -37.15
N GLU B 77 15.37 -15.24 -37.08
CA GLU B 77 14.78 -15.86 -38.26
C GLU B 77 14.67 -14.83 -39.37
N MET B 78 14.25 -13.61 -39.02
CA MET B 78 14.05 -12.56 -40.00
C MET B 78 15.35 -12.18 -40.70
N GLY B 79 16.50 -12.45 -40.11
CA GLY B 79 17.79 -12.04 -40.63
C GLY B 79 18.59 -11.11 -39.73
N TYR B 80 18.02 -10.52 -38.67
CA TYR B 80 18.76 -9.53 -37.90
C TYR B 80 19.79 -10.19 -36.99
N GLU B 81 20.76 -9.38 -36.57
CA GLU B 81 21.65 -9.77 -35.48
C GLU B 81 20.99 -9.39 -34.16
N VAL B 82 20.86 -10.38 -33.28
CA VAL B 82 20.20 -10.23 -31.99
C VAL B 82 21.15 -10.67 -30.89
N LYS B 83 21.17 -9.91 -29.81
CA LYS B 83 21.83 -10.29 -28.58
C LYS B 83 20.84 -9.95 -27.47
N ILE B 84 20.66 -10.85 -26.51
CA ILE B 84 19.91 -10.51 -25.31
C ILE B 84 20.85 -9.84 -24.32
N GLU B 85 20.52 -8.63 -23.93
CA GLU B 85 21.30 -7.92 -22.94
C GLU B 85 20.56 -7.93 -21.63
N HIS B 86 21.30 -8.23 -20.57
CA HIS B 86 20.79 -8.16 -19.20
C HIS B 86 21.23 -6.83 -18.61
N VAL B 87 20.29 -6.03 -18.14
CA VAL B 87 20.57 -4.68 -17.67
C VAL B 87 19.82 -4.43 -16.39
N ARG B 88 20.11 -3.30 -15.77
CA ARG B 88 19.19 -2.70 -14.82
C ARG B 88 18.87 -1.28 -15.29
N VAL B 89 17.60 -0.93 -15.12
CA VAL B 89 17.09 0.37 -15.50
C VAL B 89 16.36 0.93 -14.28
N LYS B 90 16.59 2.20 -14.00
CA LYS B 90 15.90 2.85 -12.91
C LYS B 90 14.67 3.53 -13.49
N CYS B 91 13.54 3.33 -12.84
CA CYS B 91 12.29 3.97 -13.22
C CYS B 91 11.96 5.15 -12.30
N ASN B 92 10.92 5.90 -12.70
CA ASN B 92 10.56 7.14 -12.06
C ASN B 92 10.09 6.94 -10.63
N ASP B 93 9.73 5.71 -10.27
CA ASP B 93 9.52 5.34 -8.87
C ASP B 93 10.82 5.23 -8.07
N GLY B 94 11.97 5.50 -8.67
CA GLY B 94 13.22 5.40 -7.94
C GLY B 94 13.66 3.99 -7.58
N LYS B 95 13.13 2.97 -8.26
CA LYS B 95 13.57 1.59 -8.09
C LYS B 95 14.41 1.14 -9.29
N TRP B 96 15.47 0.40 -9.01
CA TRP B 96 16.21 -0.27 -10.07
C TRP B 96 15.57 -1.62 -10.32
N TYR B 97 15.38 -1.96 -11.58
CA TYR B 97 14.79 -3.23 -11.95
C TYR B 97 15.75 -3.97 -12.85
N GLY B 98 16.04 -5.23 -12.51
CA GLY B 98 16.79 -6.08 -13.41
C GLY B 98 15.93 -6.41 -14.63
N HIS B 99 16.56 -6.41 -15.79
CA HIS B 99 15.82 -6.27 -17.02
C HIS B 99 16.51 -7.00 -18.16
N TYR B 100 15.72 -7.68 -19.00
CA TYR B 100 16.25 -8.23 -20.23
C TYR B 100 15.61 -7.51 -21.40
N LEU B 101 16.44 -7.09 -22.36
CA LEU B 101 16.00 -6.42 -23.57
C LEU B 101 16.81 -6.99 -24.72
N LEU B 102 16.37 -6.71 -25.93
CA LEU B 102 17.09 -7.14 -27.12
C LEU B 102 17.96 -6.00 -27.66
N ARG B 103 19.14 -6.37 -28.16
CA ARG B 103 19.96 -5.53 -29.02
C ARG B 103 19.87 -6.11 -30.41
N VAL B 104 19.43 -5.30 -31.37
CA VAL B 104 19.05 -5.78 -32.69
C VAL B 104 19.73 -4.92 -33.75
N GLY B 105 20.21 -5.56 -34.81
CA GLY B 105 20.89 -4.85 -35.89
C GLY B 105 20.61 -5.46 -37.25
N GLY B 106 20.73 -4.63 -38.29
CA GLY B 106 20.53 -5.00 -39.68
C GLY B 106 19.27 -4.36 -40.27
N PHE B 107 19.21 -4.30 -41.60
CA PHE B 107 18.14 -3.65 -42.36
C PHE B 107 17.99 -2.20 -41.90
N GLU B 108 16.80 -1.78 -41.44
CA GLU B 108 16.45 -0.40 -41.11
C GLU B 108 17.06 0.09 -39.82
N LEU B 109 17.79 -0.77 -39.09
CA LEU B 109 18.25 -0.48 -37.74
C LEU B 109 19.76 -0.33 -37.71
N LYS B 110 20.25 0.75 -37.09
CA LYS B 110 21.67 0.82 -36.73
C LYS B 110 22.04 -0.39 -35.87
N ASP B 111 23.34 -0.61 -35.72
CA ASP B 111 23.78 -1.69 -34.86
C ASP B 111 23.35 -1.44 -33.42
N GLY B 112 23.24 -2.52 -32.67
CA GLY B 112 23.05 -2.42 -31.23
C GLY B 112 21.87 -1.56 -30.84
N THR B 113 20.77 -1.67 -31.58
CA THR B 113 19.57 -0.92 -31.27
C THR B 113 18.75 -1.66 -30.21
N ILE B 114 18.29 -0.92 -29.20
CA ILE B 114 17.44 -1.48 -28.16
C ILE B 114 16.08 -1.82 -28.77
N TRP B 115 15.63 -3.06 -28.57
CA TRP B 115 14.29 -3.52 -28.95
C TRP B 115 13.69 -4.07 -27.67
N ASP B 116 12.84 -3.27 -27.03
CA ASP B 116 12.43 -3.52 -25.65
C ASP B 116 10.93 -3.78 -25.61
N TYR B 117 10.57 -5.06 -25.41
CA TYR B 117 9.17 -5.47 -25.34
C TYR B 117 8.42 -4.70 -24.27
N VAL B 118 9.07 -4.42 -23.14
CA VAL B 118 8.41 -3.65 -22.09
C VAL B 118 8.30 -2.18 -22.48
N SER B 119 9.22 -1.68 -23.32
CA SER B 119 9.01 -0.36 -23.89
C SER B 119 7.75 -0.36 -24.73
N ALA B 120 7.57 -1.41 -25.52
CA ALA B 120 6.44 -1.55 -26.43
C ALA B 120 5.11 -1.81 -25.72
N THR B 121 5.09 -2.60 -24.63
CA THR B 121 3.79 -3.02 -24.11
C THR B 121 3.38 -2.38 -22.78
N LYS B 122 4.29 -1.78 -22.03
CA LYS B 122 3.92 -1.20 -20.74
C LYS B 122 4.20 0.30 -20.68
N THR B 123 5.45 0.72 -20.69
CA THR B 123 5.75 2.12 -20.39
C THR B 123 5.67 3.03 -21.61
N GLY B 124 5.30 2.51 -22.78
CA GLY B 124 4.99 3.35 -23.91
C GLY B 124 6.19 4.12 -24.40
N ARG B 125 7.28 3.43 -24.60
CA ARG B 125 8.41 4.18 -25.08
C ARG B 125 8.78 3.64 -26.45
N PRO B 126 9.34 4.46 -27.33
CA PRO B 126 9.45 4.04 -28.73
C PRO B 126 10.55 3.01 -28.91
N LEU B 127 10.57 2.41 -30.08
CA LEU B 127 11.67 1.55 -30.50
C LEU B 127 13.01 2.25 -30.28
N GLY B 128 13.97 1.55 -29.67
CA GLY B 128 15.30 2.10 -29.47
C GLY B 128 15.56 2.68 -28.10
N VAL B 129 14.53 2.89 -27.30
CA VAL B 129 14.62 3.41 -25.93
C VAL B 129 14.27 2.27 -24.97
N PRO B 130 15.07 2.01 -23.93
CA PRO B 130 14.72 0.94 -22.98
C PRO B 130 13.51 1.36 -22.18
N CYS B 131 12.90 0.40 -21.47
CA CYS B 131 11.57 0.66 -20.92
C CYS B 131 11.55 1.74 -19.84
N CYS B 132 12.69 2.01 -19.22
CA CYS B 132 12.81 3.06 -18.21
C CYS B 132 14.12 3.81 -18.44
N THR B 133 14.11 5.12 -18.21
CA THR B 133 15.22 5.95 -18.64
C THR B 133 15.90 6.76 -17.54
N ALA B 134 15.45 6.67 -16.29
CA ALA B 134 16.14 7.46 -15.27
C ALA B 134 17.56 6.94 -15.07
N GLY B 135 17.80 5.66 -15.30
CA GLY B 135 19.13 5.12 -15.12
C GLY B 135 19.33 3.84 -15.92
N PHE B 136 20.59 3.54 -16.19
CA PHE B 136 20.92 2.36 -16.96
C PHE B 136 22.22 1.78 -16.43
N GLN B 137 22.26 0.47 -16.27
CA GLN B 137 23.51 -0.23 -16.04
C GLN B 137 23.52 -1.52 -16.82
N HIS B 138 24.57 -1.72 -17.61
CA HIS B 138 24.75 -2.99 -18.28
C HIS B 138 25.20 -4.03 -17.27
N LEU B 139 24.42 -5.09 -17.09
CA LEU B 139 24.78 -6.14 -16.14
C LEU B 139 25.52 -7.31 -16.76
N GLY B 140 25.36 -7.52 -18.06
CA GLY B 140 26.00 -8.62 -18.73
C GLY B 140 25.12 -9.12 -19.85
N TRP B 141 25.68 -10.05 -20.61
CA TRP B 141 25.01 -10.57 -21.79
C TRP B 141 24.43 -11.97 -21.52
N GLY B 142 23.16 -12.15 -21.88
CA GLY B 142 22.47 -13.41 -21.84
C GLY B 142 21.64 -13.62 -20.58
N ILE B 143 20.63 -14.48 -20.70
CA ILE B 143 19.86 -14.94 -19.55
C ILE B 143 20.77 -15.58 -18.50
N VAL B 144 20.34 -15.44 -17.24
CA VAL B 144 20.98 -16.07 -16.08
C VAL B 144 20.72 -17.58 -16.11
N GLY B 145 21.70 -18.37 -15.66
CA GLY B 145 21.58 -19.81 -15.64
C GLY B 145 20.98 -20.35 -14.36
N PRO B 146 20.75 -21.69 -14.29
CA PRO B 146 20.09 -22.27 -13.11
C PRO B 146 21.10 -22.80 -12.10
N VAL B 147 20.73 -22.81 -10.81
CA VAL B 147 21.69 -23.09 -9.74
C VAL B 147 22.02 -24.59 -9.67
N TYR B 148 23.23 -24.90 -9.19
CA TYR B 148 23.80 -26.25 -9.15
C TYR B 148 24.00 -26.76 -10.57
N ASP B 149 22.90 -27.06 -11.28
CA ASP B 149 22.97 -27.65 -12.61
C ASP B 149 23.66 -26.71 -13.60
N LYS B 150 24.05 -27.28 -14.75
CA LYS B 150 24.60 -26.53 -15.89
C LYS B 150 23.66 -26.65 -17.09
N GLN C 4 -23.04 14.29 4.48
CA GLN C 4 -24.26 13.50 4.37
C GLN C 4 -24.89 13.36 5.78
N PRO C 5 -25.77 12.32 6.06
CA PRO C 5 -26.29 12.20 7.43
C PRO C 5 -25.57 11.24 8.39
N GLN C 6 -24.26 11.11 8.32
CA GLN C 6 -23.55 10.46 9.42
C GLN C 6 -22.34 11.25 9.96
N PRO C 7 -21.92 12.39 9.37
CA PRO C 7 -20.84 13.16 10.02
C PRO C 7 -21.32 13.76 11.34
N SER C 8 -20.54 13.59 12.40
CA SER C 8 -20.88 14.11 13.72
C SER C 8 -20.32 15.52 13.92
N LEU C 9 -21.18 16.44 14.36
CA LEU C 9 -20.76 17.81 14.59
C LEU C 9 -20.84 18.17 16.07
N LYS C 10 -20.84 17.17 16.94
CA LYS C 10 -20.82 17.37 18.38
C LYS C 10 -19.41 17.35 18.95
N GLY C 11 -18.41 17.14 18.09
CA GLY C 11 -17.03 17.12 18.55
C GLY C 11 -16.67 18.41 19.26
N HIS C 12 -15.74 18.32 20.19
CA HIS C 12 -15.27 19.48 20.95
C HIS C 12 -14.78 20.58 20.02
N TRP C 13 -13.68 20.32 19.29
CA TRP C 13 -13.17 21.33 18.38
C TRP C 13 -14.14 21.60 17.24
N THR C 14 -14.87 20.58 16.77
CA THR C 14 -15.97 20.86 15.84
C THR C 14 -16.84 21.96 16.40
N THR C 15 -17.32 21.78 17.63
CA THR C 15 -18.17 22.78 18.28
C THR C 15 -17.48 24.13 18.34
N LYS C 16 -16.26 24.18 18.86
CA LYS C 16 -15.54 25.44 19.01
C LYS C 16 -15.22 26.08 17.66
N VAL C 17 -15.08 25.29 16.61
CA VAL C 17 -14.87 25.86 15.29
C VAL C 17 -16.19 26.34 14.70
N ILE C 18 -17.30 25.64 14.96
CA ILE C 18 -18.62 26.11 14.53
C ILE C 18 -18.82 27.56 14.97
N GLU C 19 -18.67 27.80 16.28
CA GLU C 19 -18.85 29.14 16.82
C GLU C 19 -17.99 30.20 16.16
N LYS C 20 -17.02 29.82 15.33
CA LYS C 20 -16.08 30.80 14.77
C LYS C 20 -16.19 30.99 13.27
N ILE C 21 -16.53 29.95 12.50
CA ILE C 21 -16.70 30.12 11.05
C ILE C 21 -18.15 29.99 10.63
N GLY C 22 -19.03 29.56 11.52
CA GLY C 22 -20.41 29.31 11.16
C GLY C 22 -20.75 27.83 11.15
N THR C 23 -21.74 27.48 10.35
CA THR C 23 -22.28 26.13 10.33
C THR C 23 -21.87 25.40 9.06
N PHE C 24 -21.41 24.17 9.23
CA PHE C 24 -21.10 23.27 8.14
C PHE C 24 -21.68 21.91 8.52
N HIS C 25 -21.73 20.98 7.57
CA HIS C 25 -22.19 19.64 7.89
C HIS C 25 -21.17 18.54 7.62
N ASP C 26 -20.20 18.74 6.72
CA ASP C 26 -19.25 17.71 6.39
C ASP C 26 -17.90 18.35 6.05
N ALA C 27 -16.98 17.53 5.54
CA ALA C 27 -15.67 18.04 5.11
C ALA C 27 -15.81 19.10 4.03
N THR C 28 -16.70 18.88 3.07
CA THR C 28 -16.79 19.75 1.91
C THR C 28 -17.42 21.09 2.27
N SER C 29 -18.47 21.08 3.08
CA SER C 29 -19.08 22.33 3.50
C SER C 29 -18.20 23.08 4.48
N LEU C 30 -17.34 22.36 5.20
CA LEU C 30 -16.40 23.01 6.11
C LEU C 30 -15.32 23.72 5.31
N TYR C 31 -14.79 23.04 4.30
CA TYR C 31 -13.84 23.66 3.38
C TYR C 31 -14.39 24.94 2.78
N GLU C 32 -15.71 25.14 2.86
CA GLU C 32 -16.33 26.36 2.35
C GLU C 32 -16.30 27.46 3.40
N ARG C 33 -16.74 27.16 4.63
CA ARG C 33 -16.64 28.11 5.71
C ARG C 33 -15.18 28.47 6.02
N VAL C 34 -14.25 27.53 5.81
CA VAL C 34 -12.83 27.86 5.90
C VAL C 34 -12.45 28.83 4.77
N LYS C 35 -12.94 28.55 3.57
CA LYS C 35 -12.71 29.44 2.44
C LYS C 35 -13.22 30.85 2.75
N LYS C 36 -14.50 30.95 3.12
CA LYS C 36 -15.14 32.26 3.27
C LYS C 36 -14.56 33.06 4.43
N THR C 37 -13.88 32.40 5.36
CA THR C 37 -13.65 33.05 6.64
C THR C 37 -12.18 33.13 7.01
N CYS C 38 -11.38 32.11 6.69
CA CYS C 38 -10.08 31.96 7.31
C CYS C 38 -8.97 32.63 6.51
N LYS C 39 -7.87 32.91 7.19
CA LYS C 39 -6.74 33.60 6.58
C LYS C 39 -5.45 32.86 6.94
N TYR C 40 -4.49 32.92 6.02
CA TYR C 40 -3.23 32.22 6.18
C TYR C 40 -2.15 33.17 6.70
N LYS C 41 -1.27 32.64 7.55
CA LYS C 41 -0.15 33.43 8.05
C LYS C 41 1.10 32.56 8.08
N TYR C 42 2.03 32.83 7.19
CA TYR C 42 3.30 32.12 7.10
C TYR C 42 4.17 32.43 8.32
N TYR C 43 4.59 31.39 9.05
CA TYR C 43 5.58 31.55 10.10
C TYR C 43 6.14 30.19 10.49
N TYR C 44 7.34 30.21 11.05
CA TYR C 44 8.00 28.99 11.51
C TYR C 44 8.31 28.98 12.99
N ASN C 45 8.09 30.08 13.71
CA ASN C 45 8.46 30.18 15.11
C ASN C 45 8.09 28.94 15.89
N ASP C 46 6.86 28.46 15.70
CA ASP C 46 6.35 27.47 16.64
C ASP C 46 4.99 26.96 16.22
N GLN C 47 4.37 26.24 17.15
CA GLN C 47 3.06 25.68 17.02
C GLN C 47 2.23 26.22 18.17
N VAL C 48 1.06 26.74 17.84
CA VAL C 48 0.18 27.27 18.87
C VAL C 48 -0.85 26.19 19.19
N PRO C 49 -1.36 26.16 20.42
CA PRO C 49 -2.41 25.18 20.76
C PRO C 49 -3.61 25.36 19.86
N ASN C 50 -4.38 24.28 19.73
CA ASN C 50 -5.61 24.33 18.93
C ASN C 50 -6.53 25.45 19.42
N HIS C 51 -6.56 25.67 20.73
CA HIS C 51 -7.39 26.71 21.31
C HIS C 51 -6.99 28.10 20.78
N VAL C 52 -5.69 28.39 20.76
CA VAL C 52 -5.22 29.68 20.26
C VAL C 52 -5.44 29.80 18.76
N ALA C 53 -5.18 28.73 18.01
CA ALA C 53 -5.40 28.76 16.57
C ALA C 53 -6.86 29.07 16.20
N VAL C 54 -7.79 28.77 17.09
CA VAL C 54 -9.20 29.01 16.77
C VAL C 54 -9.48 30.51 16.75
N MET C 55 -8.79 31.29 17.59
CA MET C 55 -8.96 32.74 17.58
C MET C 55 -8.27 33.35 16.37
N ARG C 56 -6.96 33.11 16.25
CA ARG C 56 -6.17 33.83 15.26
C ARG C 56 -6.55 33.51 13.82
N MET C 57 -7.20 32.37 13.57
CA MET C 57 -7.36 31.94 12.18
C MET C 57 -8.29 32.84 11.39
N THR C 58 -9.23 33.50 12.05
CA THR C 58 -10.13 34.44 11.38
C THR C 58 -9.47 35.79 11.14
N THR C 59 -8.42 36.08 11.91
CA THR C 59 -7.84 37.41 12.05
C THR C 59 -6.37 37.44 11.68
N SER C 60 -5.50 37.14 12.64
CA SER C 60 -4.06 37.15 12.36
C SER C 60 -3.70 36.07 11.34
N GLY C 61 -4.35 34.91 11.41
CA GLY C 61 -4.09 33.81 10.50
C GLY C 61 -3.12 32.79 11.09
N ILE C 62 -3.08 31.61 10.48
CA ILE C 62 -2.29 30.49 11.00
C ILE C 62 -1.63 29.74 9.85
N ASN C 63 -0.52 29.07 10.16
CA ASN C 63 0.28 28.43 9.13
C ASN C 63 -0.27 27.04 8.80
N CYS C 64 0.42 26.33 7.92
CA CYS C 64 -0.07 25.05 7.45
C CYS C 64 0.06 23.99 8.53
N THR C 65 1.19 24.00 9.25
CA THR C 65 1.35 23.08 10.38
C THR C 65 0.21 23.22 11.37
N ASP C 66 -0.11 24.46 11.75
CA ASP C 66 -1.08 24.68 12.81
C ASP C 66 -2.50 24.36 12.37
N ALA C 67 -2.84 24.61 11.10
CA ALA C 67 -4.18 24.32 10.61
C ALA C 67 -4.42 22.82 10.54
N CYS C 68 -3.48 22.12 9.92
CA CYS C 68 -3.48 20.66 9.89
C CYS C 68 -3.73 20.07 11.27
N GLN C 69 -3.03 20.56 12.30
CA GLN C 69 -3.28 20.07 13.65
C GLN C 69 -4.73 20.30 14.06
N LEU C 70 -5.26 21.49 13.76
CA LEU C 70 -6.61 21.85 14.17
C LEU C 70 -7.66 21.02 13.43
N PHE C 71 -7.65 21.09 12.10
CA PHE C 71 -8.77 20.54 11.35
C PHE C 71 -8.77 19.03 11.31
N SER C 72 -7.60 18.41 11.39
CA SER C 72 -7.56 16.96 11.54
C SER C 72 -8.33 16.56 12.80
N LYS C 73 -8.12 17.26 13.90
CA LYS C 73 -8.96 17.07 15.08
C LYS C 73 -10.43 17.23 14.73
N VAL C 74 -10.75 18.30 14.00
CA VAL C 74 -12.15 18.52 13.64
C VAL C 74 -12.65 17.38 12.79
N LEU C 75 -11.93 17.08 11.71
CA LEU C 75 -12.39 16.04 10.79
C LEU C 75 -12.38 14.68 11.47
N GLU C 76 -11.36 14.40 12.28
CA GLU C 76 -11.36 13.14 13.02
C GLU C 76 -12.53 13.10 13.98
N GLU C 77 -12.88 14.25 14.58
CA GLU C 77 -14.07 14.31 15.40
C GLU C 77 -15.31 13.93 14.59
N MET C 78 -15.45 14.51 13.40
CA MET C 78 -16.64 14.25 12.60
C MET C 78 -16.70 12.82 12.08
N GLY C 79 -15.62 12.04 12.22
CA GLY C 79 -15.62 10.66 11.82
C GLY C 79 -14.91 10.35 10.52
N TYR C 80 -14.08 11.27 10.03
CA TYR C 80 -13.35 11.05 8.79
C TYR C 80 -12.06 10.33 9.09
N GLU C 81 -11.59 9.56 8.11
CA GLU C 81 -10.19 9.18 8.05
C GLU C 81 -9.40 10.42 7.70
N VAL C 82 -8.47 10.82 8.55
CA VAL C 82 -7.57 11.93 8.29
C VAL C 82 -6.14 11.51 8.55
N LYS C 83 -5.24 11.88 7.65
CA LYS C 83 -3.80 11.77 7.88
C LYS C 83 -3.13 13.07 7.46
N ILE C 84 -2.15 13.52 8.24
CA ILE C 84 -1.33 14.65 7.84
C ILE C 84 -0.26 14.15 6.89
N GLU C 85 -0.16 14.77 5.71
CA GLU C 85 0.85 14.39 4.72
C GLU C 85 1.90 15.49 4.61
N HIS C 86 3.12 15.19 5.05
CA HIS C 86 4.24 16.09 4.85
C HIS C 86 4.73 15.95 3.41
N VAL C 87 4.74 17.06 2.67
CA VAL C 87 5.06 17.05 1.26
C VAL C 87 5.90 18.27 0.89
N ARG C 88 6.45 18.21 -0.32
CA ARG C 88 6.98 19.40 -0.95
C ARG C 88 6.31 19.55 -2.30
N VAL C 89 5.99 20.81 -2.61
CA VAL C 89 5.23 21.22 -3.79
C VAL C 89 6.02 22.31 -4.49
N LYS C 90 6.03 22.23 -5.81
CA LYS C 90 6.55 23.30 -6.64
C LYS C 90 5.41 24.27 -6.93
N CYS C 91 5.72 25.57 -6.95
CA CYS C 91 4.72 26.58 -7.20
C CYS C 91 4.92 27.21 -8.58
N ASN C 92 3.98 28.08 -8.93
CA ASN C 92 4.03 28.95 -10.09
C ASN C 92 5.44 29.50 -10.32
N ASP C 93 6.08 29.97 -9.23
CA ASP C 93 7.38 30.62 -9.27
C ASP C 93 8.54 29.69 -9.58
N GLY C 94 8.30 28.39 -9.71
CA GLY C 94 9.38 27.47 -9.97
C GLY C 94 10.21 27.07 -8.78
N LYS C 95 9.86 27.49 -7.55
CA LYS C 95 10.58 27.04 -6.35
C LYS C 95 9.75 26.04 -5.54
N TRP C 96 10.45 25.20 -4.79
CA TRP C 96 9.85 24.11 -4.01
C TRP C 96 9.64 24.51 -2.55
N TYR C 97 8.48 24.12 -1.99
CA TYR C 97 8.14 24.47 -0.61
C TYR C 97 7.71 23.24 0.18
N GLY C 98 8.32 23.04 1.35
CA GLY C 98 7.81 22.07 2.30
C GLY C 98 6.45 22.50 2.83
N HIS C 99 5.56 21.51 3.02
CA HIS C 99 4.13 21.77 3.17
C HIS C 99 3.45 20.60 3.90
N TYR C 100 2.60 20.94 4.87
CA TYR C 100 1.75 19.95 5.52
C TYR C 100 0.33 20.13 5.00
N LEU C 101 -0.32 19.02 4.64
CA LEU C 101 -1.71 19.06 4.21
C LEU C 101 -2.43 17.85 4.75
N LEU C 102 -3.75 17.84 4.62
CA LEU C 102 -4.59 16.78 5.11
C LEU C 102 -4.98 15.82 4.01
N ARG C 103 -5.06 14.53 4.35
CA ARG C 103 -5.63 13.50 3.52
C ARG C 103 -6.90 13.02 4.21
N VAL C 104 -8.01 13.09 3.51
CA VAL C 104 -9.30 12.91 4.16
C VAL C 104 -10.12 11.95 3.33
N GLY C 105 -10.61 10.89 3.97
CA GLY C 105 -11.49 9.95 3.33
C GLY C 105 -12.68 9.68 4.22
N GLY C 106 -13.79 9.35 3.59
CA GLY C 106 -15.01 9.02 4.30
C GLY C 106 -16.19 9.80 3.75
N PHE C 107 -17.38 9.33 4.13
CA PHE C 107 -18.61 10.04 3.81
C PHE C 107 -18.65 10.46 2.35
N GLU C 108 -18.75 11.75 2.11
CA GLU C 108 -18.78 12.29 0.75
C GLU C 108 -17.41 12.33 0.10
N LEU C 109 -16.37 11.89 0.79
CA LEU C 109 -15.01 12.08 0.30
C LEU C 109 -14.40 10.76 -0.09
N LYS C 110 -14.01 10.65 -1.35
CA LYS C 110 -13.21 9.53 -1.77
C LYS C 110 -11.99 9.41 -0.88
N ASP C 111 -11.40 8.22 -0.89
CA ASP C 111 -10.23 7.97 -0.07
C ASP C 111 -9.07 8.79 -0.59
N GLY C 112 -8.28 9.32 0.34
CA GLY C 112 -7.11 10.07 -0.05
C GLY C 112 -7.34 11.45 -0.59
N THR C 113 -8.49 12.06 -0.29
CA THR C 113 -8.82 13.38 -0.83
C THR C 113 -7.93 14.44 -0.18
N ILE C 114 -7.34 15.28 -1.01
CA ILE C 114 -6.54 16.38 -0.48
C ILE C 114 -7.45 17.42 0.15
N TRP C 115 -7.12 17.84 1.35
CA TRP C 115 -7.83 18.89 2.06
C TRP C 115 -6.72 19.85 2.52
N ASP C 116 -6.49 20.88 1.71
CA ASP C 116 -5.35 21.79 1.85
C ASP C 116 -5.88 23.16 2.25
N TYR C 117 -5.75 23.47 3.55
CA TYR C 117 -6.06 24.80 4.07
C TYR C 117 -5.44 25.90 3.21
N VAL C 118 -4.21 25.70 2.74
CA VAL C 118 -3.60 26.77 1.96
C VAL C 118 -4.21 26.86 0.57
N SER C 119 -4.80 25.78 0.07
CA SER C 119 -5.63 25.92 -1.13
C SER C 119 -6.85 26.80 -0.84
N ALA C 120 -7.47 26.61 0.33
CA ALA C 120 -8.71 27.32 0.62
C ALA C 120 -8.47 28.79 0.99
N THR C 121 -7.30 29.13 1.56
CA THR C 121 -7.14 30.48 2.10
C THR C 121 -6.03 31.29 1.44
N LYS C 122 -5.24 30.71 0.55
CA LYS C 122 -4.23 31.52 -0.13
C LYS C 122 -4.37 31.43 -1.64
N THR C 123 -4.31 30.23 -2.20
CA THR C 123 -4.24 30.11 -3.64
C THR C 123 -5.57 29.68 -4.27
N GLY C 124 -6.66 29.79 -3.53
CA GLY C 124 -8.01 29.60 -4.05
C GLY C 124 -8.36 28.22 -4.58
N ARG C 125 -7.37 27.33 -4.69
CA ARG C 125 -7.58 26.10 -5.46
C ARG C 125 -8.56 25.16 -4.74
N PRO C 126 -9.36 24.41 -5.51
CA PRO C 126 -10.54 23.75 -4.92
C PRO C 126 -10.20 22.54 -4.06
N LEU C 127 -11.18 22.15 -3.26
CA LEU C 127 -11.08 20.97 -2.42
C LEU C 127 -10.62 19.76 -3.23
N GLY C 128 -9.52 19.17 -2.78
CA GLY C 128 -8.93 18.04 -3.46
C GLY C 128 -7.74 18.42 -4.29
N VAL C 129 -7.31 19.67 -4.21
CA VAL C 129 -6.18 20.18 -4.95
C VAL C 129 -5.20 20.73 -3.94
N PRO C 130 -3.91 20.43 -4.05
CA PRO C 130 -2.94 21.03 -3.15
C PRO C 130 -2.70 22.48 -3.56
N CYS C 131 -2.25 23.27 -2.59
CA CYS C 131 -2.20 24.71 -2.77
C CYS C 131 -1.28 25.12 -3.92
N CYS C 132 -0.37 24.23 -4.35
CA CYS C 132 0.46 24.44 -5.52
C CYS C 132 0.48 23.16 -6.32
N THR C 133 0.54 23.29 -7.65
CA THR C 133 0.29 22.15 -8.53
C THR C 133 1.38 22.00 -9.59
N ALA C 134 2.53 22.65 -9.43
CA ALA C 134 3.58 22.51 -10.43
C ALA C 134 4.48 21.33 -10.14
N GLY C 135 4.47 20.84 -8.90
CA GLY C 135 5.23 19.66 -8.54
C GLY C 135 4.72 19.09 -7.25
N PHE C 136 4.91 17.79 -7.09
CA PHE C 136 4.55 17.09 -5.89
C PHE C 136 5.63 16.08 -5.55
N GLN C 137 5.94 16.01 -4.27
CA GLN C 137 6.71 14.89 -3.77
C GLN C 137 6.25 14.63 -2.35
N HIS C 138 5.76 13.42 -2.11
CA HIS C 138 5.37 13.01 -0.77
C HIS C 138 6.64 12.87 0.07
N LEU C 139 6.67 13.55 1.22
CA LEU C 139 7.83 13.49 2.12
C LEU C 139 7.65 12.49 3.26
N GLY C 140 6.43 12.17 3.62
CA GLY C 140 6.17 11.25 4.70
C GLY C 140 4.89 11.67 5.40
N TRP C 141 4.51 10.87 6.39
CA TRP C 141 3.27 11.05 7.14
C TRP C 141 3.56 11.61 8.51
N GLY C 142 2.85 12.68 8.90
CA GLY C 142 3.03 13.33 10.19
C GLY C 142 4.02 14.48 10.16
N ILE C 143 4.09 15.16 11.30
CA ILE C 143 4.84 16.41 11.49
C ILE C 143 6.22 16.02 12.00
N VAL C 144 7.28 16.74 11.60
CA VAL C 144 8.59 16.32 12.04
C VAL C 144 8.65 16.52 13.53
N GLY C 145 9.48 15.75 14.19
CA GLY C 145 9.55 15.80 15.63
C GLY C 145 10.66 16.71 16.09
N PRO C 146 10.91 16.73 17.39
CA PRO C 146 11.96 17.58 17.95
C PRO C 146 13.33 16.90 17.99
N VAL C 147 14.35 17.73 18.03
CA VAL C 147 15.73 17.25 18.09
C VAL C 147 16.05 16.81 19.52
N TYR C 148 16.63 15.61 19.64
CA TYR C 148 17.17 15.10 20.90
C TYR C 148 18.67 15.11 20.76
N ASP C 149 19.30 16.12 21.32
CA ASP C 149 20.76 16.29 21.32
C ASP C 149 21.34 15.78 22.63
N LYS C 150 20.98 14.56 22.97
CA LYS C 150 21.44 13.94 24.21
C LYS C 150 22.90 13.55 24.07
N HIS D 1 -9.00 -30.54 -12.94
CA HIS D 1 -9.95 -29.57 -12.43
C HIS D 1 -9.70 -28.14 -12.96
N HIS D 2 -10.70 -27.74 -13.72
CA HIS D 2 -11.01 -26.39 -14.15
C HIS D 2 -10.74 -25.35 -13.07
N MET D 3 -10.18 -24.21 -13.45
CA MET D 3 -10.02 -23.13 -12.50
C MET D 3 -11.37 -22.43 -12.27
N GLN D 4 -11.68 -22.21 -11.01
CA GLN D 4 -12.93 -21.65 -10.56
C GLN D 4 -12.70 -20.24 -10.02
N PRO D 5 -13.73 -19.40 -9.96
CA PRO D 5 -13.51 -18.02 -9.49
C PRO D 5 -13.08 -18.00 -8.03
N GLN D 6 -12.00 -17.30 -7.77
CA GLN D 6 -11.50 -17.16 -6.39
C GLN D 6 -11.92 -15.81 -5.80
N PRO D 7 -12.20 -15.76 -4.50
CA PRO D 7 -12.63 -14.50 -3.89
C PRO D 7 -11.52 -13.46 -3.92
N SER D 8 -11.92 -12.21 -4.12
CA SER D 8 -10.98 -11.13 -4.38
C SER D 8 -10.47 -10.57 -3.05
N LEU D 9 -9.15 -10.63 -2.85
CA LEU D 9 -8.52 -10.03 -1.68
C LEU D 9 -8.03 -8.62 -1.94
N LYS D 10 -8.58 -8.00 -2.98
CA LYS D 10 -8.19 -6.68 -3.44
C LYS D 10 -9.20 -5.61 -3.10
N GLY D 11 -10.19 -5.92 -2.25
CA GLY D 11 -11.22 -4.96 -1.93
C GLY D 11 -10.71 -3.86 -1.03
N HIS D 12 -11.42 -2.72 -1.07
CA HIS D 12 -11.10 -1.58 -0.23
C HIS D 12 -11.06 -2.02 1.24
N TRP D 13 -12.19 -2.44 1.80
CA TRP D 13 -12.21 -2.86 3.19
C TRP D 13 -11.59 -4.23 3.41
N THR D 14 -11.44 -5.04 2.37
CA THR D 14 -10.79 -6.35 2.55
C THR D 14 -9.36 -6.18 3.04
N THR D 15 -8.58 -5.33 2.35
CA THR D 15 -7.17 -5.15 2.74
C THR D 15 -7.02 -4.24 3.95
N LYS D 16 -7.94 -3.28 4.15
CA LYS D 16 -7.94 -2.57 5.42
C LYS D 16 -8.19 -3.52 6.59
N VAL D 17 -8.97 -4.59 6.37
CA VAL D 17 -9.14 -5.61 7.39
C VAL D 17 -7.92 -6.51 7.47
N ILE D 18 -7.33 -6.87 6.32
CA ILE D 18 -6.11 -7.66 6.34
C ILE D 18 -5.02 -6.92 7.11
N GLU D 19 -4.88 -5.62 6.85
CA GLU D 19 -3.87 -4.80 7.50
C GLU D 19 -4.17 -4.65 8.99
N LYS D 20 -5.24 -5.28 9.46
CA LYS D 20 -5.62 -5.18 10.86
C LYS D 20 -5.82 -6.51 11.57
N ILE D 21 -6.02 -7.63 10.85
CA ILE D 21 -6.25 -8.88 11.57
C ILE D 21 -5.42 -10.01 10.98
N GLY D 22 -4.79 -9.74 9.85
CA GLY D 22 -3.97 -10.74 9.21
C GLY D 22 -4.58 -11.21 7.90
N THR D 23 -4.02 -12.29 7.39
CA THR D 23 -4.32 -12.73 6.05
C THR D 23 -5.44 -13.76 6.06
N PHE D 24 -6.37 -13.60 5.14
CA PHE D 24 -7.41 -14.57 4.86
C PHE D 24 -7.55 -14.67 3.36
N HIS D 25 -8.38 -15.59 2.90
CA HIS D 25 -8.52 -15.80 1.48
C HIS D 25 -9.95 -16.17 1.10
N ASP D 26 -10.86 -16.21 2.05
CA ASP D 26 -12.24 -16.58 1.81
C ASP D 26 -13.02 -16.19 3.07
N ALA D 27 -14.33 -16.39 3.00
CA ALA D 27 -15.15 -16.00 4.13
C ALA D 27 -14.84 -16.85 5.36
N THR D 28 -14.33 -18.06 5.16
CA THR D 28 -14.09 -18.97 6.27
C THR D 28 -12.79 -18.66 6.99
N SER D 29 -11.73 -18.36 6.24
CA SER D 29 -10.51 -17.92 6.92
C SER D 29 -10.73 -16.57 7.60
N LEU D 30 -11.48 -15.67 6.95
CA LEU D 30 -11.85 -14.41 7.57
C LEU D 30 -12.47 -14.63 8.95
N TYR D 31 -13.51 -15.45 9.02
CA TYR D 31 -14.17 -15.76 10.29
C TYR D 31 -13.18 -16.26 11.34
N GLU D 32 -12.09 -16.90 10.91
CA GLU D 32 -11.11 -17.47 11.83
C GLU D 32 -10.11 -16.44 12.31
N ARG D 33 -9.68 -15.53 11.44
CA ARG D 33 -8.92 -14.40 11.94
C ARG D 33 -9.78 -13.56 12.89
N VAL D 34 -11.01 -13.24 12.48
CA VAL D 34 -11.90 -12.45 13.32
C VAL D 34 -12.12 -13.12 14.66
N LYS D 35 -12.41 -14.43 14.65
CA LYS D 35 -12.63 -15.18 15.88
C LYS D 35 -11.39 -15.17 16.77
N LYS D 36 -10.20 -15.13 16.16
CA LYS D 36 -8.92 -15.10 16.86
C LYS D 36 -8.43 -13.70 17.21
N THR D 37 -9.19 -12.64 16.88
CA THR D 37 -8.58 -11.31 16.96
C THR D 37 -9.55 -10.14 17.26
N CYS D 38 -10.86 -10.38 17.30
CA CYS D 38 -11.82 -9.29 17.37
C CYS D 38 -12.65 -9.35 18.65
N LYS D 39 -13.03 -8.17 19.13
CA LYS D 39 -13.78 -8.06 20.38
C LYS D 39 -15.11 -7.36 20.13
N TYR D 40 -16.01 -7.50 21.10
CA TYR D 40 -17.41 -7.10 20.93
C TYR D 40 -17.84 -6.10 22.01
N LYS D 41 -17.75 -4.81 21.71
CA LYS D 41 -18.34 -3.79 22.56
C LYS D 41 -19.81 -3.65 22.22
N TYR D 42 -20.68 -3.76 23.21
CA TYR D 42 -22.10 -3.51 22.99
C TYR D 42 -22.40 -2.04 23.24
N TYR D 43 -23.19 -1.43 22.34
CA TYR D 43 -23.67 -0.08 22.56
C TYR D 43 -25.03 0.10 21.89
N TYR D 44 -25.59 1.29 22.06
CA TYR D 44 -26.99 1.56 21.79
C TYR D 44 -27.16 2.08 20.36
N ASN D 45 -26.87 1.17 19.42
CA ASN D 45 -26.97 1.42 17.98
C ASN D 45 -26.35 2.76 17.58
N ASP D 46 -25.32 3.18 18.30
CA ASP D 46 -24.55 4.37 17.93
C ASP D 46 -23.49 3.92 16.92
N GLN D 47 -23.74 4.20 15.64
CA GLN D 47 -23.02 3.54 14.56
C GLN D 47 -21.79 4.32 14.13
N VAL D 48 -20.63 3.66 14.14
CA VAL D 48 -19.38 4.27 13.70
C VAL D 48 -19.16 4.01 12.21
N PRO D 49 -18.46 4.89 11.50
CA PRO D 49 -18.09 4.57 10.12
C PRO D 49 -17.12 3.40 10.05
N ASN D 50 -17.06 2.78 8.89
CA ASN D 50 -16.43 1.46 8.79
C ASN D 50 -14.94 1.55 9.09
N HIS D 51 -14.28 2.62 8.66
CA HIS D 51 -12.86 2.77 8.96
C HIS D 51 -12.61 2.81 10.47
N VAL D 52 -13.41 3.59 11.20
CA VAL D 52 -13.36 3.63 12.66
C VAL D 52 -13.57 2.23 13.24
N ALA D 53 -14.48 1.47 12.64
CA ALA D 53 -14.72 0.10 13.07
C ALA D 53 -13.45 -0.73 13.03
N VAL D 54 -12.58 -0.49 12.05
CA VAL D 54 -11.37 -1.30 11.92
C VAL D 54 -10.42 -1.06 13.08
N MET D 55 -10.29 0.19 13.52
CA MET D 55 -9.46 0.50 14.68
C MET D 55 -9.88 -0.33 15.88
N ARG D 56 -11.15 -0.26 16.23
CA ARG D 56 -11.59 -0.73 17.53
C ARG D 56 -11.88 -2.21 17.58
N MET D 57 -12.14 -2.86 16.44
CA MET D 57 -12.64 -4.24 16.51
C MET D 57 -11.69 -5.12 17.29
N THR D 58 -10.39 -5.01 17.02
CA THR D 58 -9.42 -5.83 17.72
C THR D 58 -8.96 -5.20 19.03
N THR D 59 -9.47 -4.02 19.38
CA THR D 59 -9.07 -3.39 20.63
C THR D 59 -10.27 -3.21 21.58
N SER D 60 -10.94 -2.05 21.47
CA SER D 60 -12.10 -1.77 22.32
C SER D 60 -13.29 -2.67 21.97
N GLY D 61 -13.46 -2.98 20.69
CA GLY D 61 -14.57 -3.79 20.23
C GLY D 61 -15.59 -2.98 19.45
N ILE D 62 -16.49 -3.71 18.81
CA ILE D 62 -17.57 -3.13 18.02
C ILE D 62 -18.82 -3.97 18.24
N ASN D 63 -19.97 -3.34 18.01
CA ASN D 63 -21.27 -3.97 18.22
C ASN D 63 -21.71 -4.69 16.94
N CYS D 64 -22.84 -5.40 17.01
CA CYS D 64 -23.23 -6.24 15.88
C CYS D 64 -23.61 -5.40 14.67
N THR D 65 -24.33 -4.30 14.88
CA THR D 65 -24.76 -3.53 13.72
C THR D 65 -23.55 -2.93 13.00
N ASP D 66 -22.50 -2.57 13.75
CA ASP D 66 -21.28 -2.04 13.16
C ASP D 66 -20.46 -3.13 12.46
N ALA D 67 -20.40 -4.33 13.04
CA ALA D 67 -19.69 -5.42 12.39
C ALA D 67 -20.44 -5.89 11.14
N CYS D 68 -21.77 -5.87 11.18
CA CYS D 68 -22.52 -6.26 10.00
C CYS D 68 -22.31 -5.26 8.88
N GLN D 69 -22.14 -3.98 9.21
CA GLN D 69 -21.91 -2.96 8.19
C GLN D 69 -20.52 -3.08 7.58
N LEU D 70 -19.50 -3.32 8.40
CA LEU D 70 -18.15 -3.47 7.87
C LEU D 70 -18.00 -4.76 7.06
N PHE D 71 -18.37 -5.89 7.67
CA PHE D 71 -17.99 -7.19 7.12
C PHE D 71 -18.85 -7.61 5.94
N SER D 72 -20.05 -7.06 5.77
CA SER D 72 -20.76 -7.32 4.52
C SER D 72 -20.02 -6.66 3.36
N LYS D 73 -19.50 -5.44 3.57
CA LYS D 73 -18.78 -4.77 2.50
C LYS D 73 -17.48 -5.49 2.17
N VAL D 74 -16.73 -5.89 3.20
CA VAL D 74 -15.62 -6.83 3.00
C VAL D 74 -16.08 -8.01 2.15
N LEU D 75 -17.16 -8.66 2.58
CA LEU D 75 -17.58 -9.93 1.99
C LEU D 75 -18.16 -9.74 0.60
N GLU D 76 -18.85 -8.63 0.36
CA GLU D 76 -19.26 -8.30 -1.00
C GLU D 76 -18.06 -8.00 -1.89
N GLU D 77 -17.09 -7.22 -1.38
CA GLU D 77 -15.86 -6.98 -2.13
C GLU D 77 -15.21 -8.29 -2.56
N MET D 78 -15.16 -9.27 -1.67
CA MET D 78 -14.56 -10.56 -2.05
C MET D 78 -15.37 -11.25 -3.14
N GLY D 79 -16.64 -10.88 -3.32
CA GLY D 79 -17.48 -11.43 -4.37
C GLY D 79 -18.62 -12.29 -3.87
N TYR D 80 -18.78 -12.47 -2.56
CA TYR D 80 -19.92 -13.21 -2.07
C TYR D 80 -21.21 -12.43 -2.24
N GLU D 81 -22.33 -13.14 -2.07
CA GLU D 81 -23.63 -12.54 -1.88
C GLU D 81 -23.86 -12.39 -0.39
N VAL D 82 -24.18 -11.18 0.06
CA VAL D 82 -24.37 -10.92 1.49
C VAL D 82 -25.74 -10.28 1.72
N LYS D 83 -26.39 -10.66 2.82
CA LYS D 83 -27.56 -9.95 3.31
C LYS D 83 -27.46 -9.80 4.81
N ILE D 84 -27.64 -8.57 5.29
CA ILE D 84 -27.84 -8.34 6.70
C ILE D 84 -29.24 -8.82 7.07
N GLU D 85 -29.34 -9.53 8.19
CA GLU D 85 -30.62 -10.04 8.69
C GLU D 85 -30.87 -9.52 10.10
N HIS D 86 -32.10 -9.06 10.32
CA HIS D 86 -32.57 -8.60 11.61
C HIS D 86 -33.29 -9.78 12.26
N VAL D 87 -32.81 -10.21 13.42
CA VAL D 87 -33.31 -11.41 14.09
C VAL D 87 -33.40 -11.13 15.58
N ARG D 88 -33.98 -12.08 16.31
CA ARG D 88 -33.82 -12.09 17.74
C ARG D 88 -33.49 -13.49 18.20
N VAL D 89 -32.55 -13.57 19.13
CA VAL D 89 -32.01 -14.82 19.63
C VAL D 89 -32.31 -14.91 21.12
N LYS D 90 -32.72 -16.10 21.56
CA LYS D 90 -32.91 -16.41 22.97
C LYS D 90 -31.73 -17.23 23.45
N CYS D 91 -31.02 -16.73 24.46
CA CYS D 91 -29.83 -17.42 24.93
C CYS D 91 -30.16 -18.35 26.12
N ASN D 92 -29.15 -19.11 26.54
CA ASN D 92 -29.23 -19.97 27.73
C ASN D 92 -29.99 -19.30 28.86
N ASP D 93 -29.68 -18.02 29.10
CA ASP D 93 -30.33 -17.20 30.11
C ASP D 93 -31.83 -17.05 29.89
N GLY D 94 -32.36 -17.45 28.74
CA GLY D 94 -33.79 -17.50 28.54
C GLY D 94 -34.45 -16.23 28.08
N LYS D 95 -33.76 -15.09 28.11
CA LYS D 95 -34.29 -13.83 27.59
C LYS D 95 -33.98 -13.67 26.09
N TRP D 96 -34.63 -12.69 25.47
CA TRP D 96 -34.55 -12.47 24.03
C TRP D 96 -33.77 -11.20 23.72
N TYR D 97 -33.05 -11.21 22.59
CA TYR D 97 -32.19 -10.10 22.20
C TYR D 97 -32.32 -9.79 20.72
N GLY D 98 -32.69 -8.55 20.40
CA GLY D 98 -32.64 -8.11 19.01
C GLY D 98 -31.20 -8.06 18.51
N HIS D 99 -31.00 -8.45 17.25
CA HIS D 99 -29.70 -8.88 16.77
C HIS D 99 -29.60 -8.72 15.26
N TYR D 100 -28.42 -8.32 14.79
CA TYR D 100 -28.08 -8.36 13.38
C TYR D 100 -27.02 -9.40 13.13
N LEU D 101 -27.13 -10.09 12.00
CA LEU D 101 -26.11 -11.04 11.57
C LEU D 101 -26.06 -11.05 10.05
N LEU D 102 -25.11 -11.80 9.51
CA LEU D 102 -24.88 -11.86 8.08
C LEU D 102 -25.38 -13.17 7.50
N ARG D 103 -25.80 -13.09 6.25
CA ARG D 103 -26.20 -14.24 5.47
C ARG D 103 -25.37 -14.17 4.20
N VAL D 104 -24.54 -15.18 3.98
CA VAL D 104 -23.48 -15.13 2.98
C VAL D 104 -23.64 -16.33 2.06
N GLY D 105 -23.57 -16.09 0.75
CA GLY D 105 -23.63 -17.16 -0.23
C GLY D 105 -22.60 -16.94 -1.32
N GLY D 106 -22.14 -18.05 -1.90
CA GLY D 106 -21.09 -18.05 -2.90
C GLY D 106 -19.87 -18.81 -2.43
N PHE D 107 -18.94 -18.98 -3.37
CA PHE D 107 -17.67 -19.67 -3.13
C PHE D 107 -17.81 -20.90 -2.25
N GLU D 108 -17.10 -20.97 -1.13
CA GLU D 108 -17.12 -22.15 -0.29
C GLU D 108 -18.34 -22.23 0.62
N LEU D 109 -19.34 -21.37 0.44
CA LEU D 109 -20.48 -21.33 1.35
C LEU D 109 -21.78 -21.65 0.60
N LYS D 110 -22.56 -22.56 1.18
CA LYS D 110 -23.95 -22.77 0.79
C LYS D 110 -24.76 -21.50 1.05
N ASP D 111 -25.73 -21.23 0.16
CA ASP D 111 -26.57 -20.05 0.25
C ASP D 111 -27.15 -19.90 1.66
N GLY D 112 -27.39 -18.66 2.06
CA GLY D 112 -28.04 -18.40 3.33
C GLY D 112 -27.25 -18.79 4.55
N THR D 113 -25.91 -18.85 4.45
CA THR D 113 -25.09 -19.26 5.59
C THR D 113 -24.92 -18.12 6.58
N ILE D 114 -25.17 -18.44 7.85
CA ILE D 114 -25.02 -17.48 8.95
C ILE D 114 -23.55 -17.19 9.17
N TRP D 115 -23.21 -15.91 9.20
CA TRP D 115 -21.89 -15.41 9.53
C TRP D 115 -22.11 -14.41 10.66
N ASP D 116 -22.00 -14.88 11.90
CA ASP D 116 -22.37 -14.10 13.07
C ASP D 116 -21.10 -13.62 13.76
N TYR D 117 -20.81 -12.33 13.64
CA TYR D 117 -19.64 -11.77 14.32
C TYR D 117 -19.71 -12.02 15.82
N VAL D 118 -20.90 -11.97 16.38
CA VAL D 118 -21.04 -12.18 17.82
C VAL D 118 -20.75 -13.64 18.17
N SER D 119 -21.22 -14.59 17.34
CA SER D 119 -20.86 -16.00 17.51
C SER D 119 -19.37 -16.19 17.63
N ALA D 120 -18.60 -15.36 16.91
CA ALA D 120 -17.16 -15.45 16.77
C ALA D 120 -16.42 -14.79 17.92
N THR D 121 -16.82 -13.58 18.29
CA THR D 121 -16.04 -12.77 19.22
C THR D 121 -16.60 -12.76 20.62
N LYS D 122 -17.66 -13.52 20.89
CA LYS D 122 -18.28 -13.48 22.22
C LYS D 122 -18.70 -14.88 22.66
N THR D 123 -19.73 -15.46 22.05
CA THR D 123 -20.28 -16.71 22.56
C THR D 123 -19.56 -17.94 22.04
N GLY D 124 -18.49 -17.77 21.28
CA GLY D 124 -17.66 -18.88 20.86
C GLY D 124 -18.19 -19.70 19.70
N ARG D 125 -19.50 -19.70 19.47
CA ARG D 125 -20.21 -20.50 18.48
C ARG D 125 -19.48 -20.56 17.14
N PRO D 126 -19.57 -21.68 16.43
CA PRO D 126 -18.87 -21.80 15.16
C PRO D 126 -19.61 -21.06 14.06
N LEU D 127 -18.91 -20.89 12.94
CA LEU D 127 -19.54 -20.38 11.73
C LEU D 127 -20.83 -21.13 11.42
N GLY D 128 -21.75 -20.44 10.75
CA GLY D 128 -23.05 -21.00 10.44
C GLY D 128 -24.00 -21.07 11.62
N VAL D 129 -23.56 -20.68 12.80
CA VAL D 129 -24.37 -20.75 14.02
C VAL D 129 -24.50 -19.35 14.56
N PRO D 130 -25.71 -18.90 14.92
CA PRO D 130 -25.85 -17.57 15.52
C PRO D 130 -25.41 -17.61 16.98
N CYS D 131 -25.22 -16.41 17.53
CA CYS D 131 -24.59 -16.29 18.84
C CYS D 131 -25.43 -16.94 19.95
N CYS D 132 -26.70 -17.22 19.69
CA CYS D 132 -27.58 -17.86 20.67
C CYS D 132 -28.56 -18.74 19.94
N THR D 133 -28.91 -19.86 20.56
CA THR D 133 -29.52 -20.97 19.85
C THR D 133 -30.72 -21.60 20.56
N ALA D 134 -31.17 -21.03 21.68
CA ALA D 134 -32.40 -21.54 22.29
C ALA D 134 -33.63 -21.20 21.47
N GLY D 135 -33.57 -20.10 20.70
CA GLY D 135 -34.66 -19.72 19.82
C GLY D 135 -34.20 -18.74 18.76
N PHE D 136 -35.00 -18.66 17.68
CA PHE D 136 -34.69 -17.80 16.54
C PHE D 136 -35.98 -17.19 16.01
N GLN D 137 -35.97 -15.87 15.79
CA GLN D 137 -37.05 -15.21 15.03
C GLN D 137 -36.44 -14.29 13.98
N HIS D 138 -36.86 -14.49 12.74
CA HIS D 138 -36.63 -13.52 11.67
C HIS D 138 -37.42 -12.24 11.94
N LEU D 139 -36.75 -11.09 11.78
CA LEU D 139 -37.41 -9.79 11.93
C LEU D 139 -37.59 -9.02 10.63
N GLY D 140 -36.97 -9.44 9.54
CA GLY D 140 -36.92 -8.64 8.34
C GLY D 140 -35.49 -8.43 7.90
N TRP D 141 -35.35 -7.91 6.69
CA TRP D 141 -34.05 -7.84 6.03
C TRP D 141 -33.55 -6.40 6.07
N GLY D 142 -32.31 -6.23 6.52
CA GLY D 142 -31.66 -4.94 6.56
C GLY D 142 -31.73 -4.29 7.94
N ILE D 143 -30.95 -3.24 8.07
CA ILE D 143 -30.80 -2.50 9.32
C ILE D 143 -31.84 -1.40 9.38
N VAL D 144 -32.32 -1.11 10.59
CA VAL D 144 -33.32 -0.07 10.80
C VAL D 144 -32.75 1.29 10.44
N GLY D 145 -33.57 2.13 9.82
CA GLY D 145 -33.15 3.44 9.41
C GLY D 145 -33.51 4.51 10.41
N PRO D 146 -33.21 5.76 10.06
CA PRO D 146 -33.40 6.85 11.01
C PRO D 146 -34.87 7.18 11.20
N VAL D 147 -35.13 7.89 12.28
CA VAL D 147 -36.46 8.39 12.60
C VAL D 147 -36.62 9.77 11.98
N TYR D 148 -37.63 9.94 11.14
CA TYR D 148 -38.05 11.25 10.65
C TYR D 148 -39.31 11.68 11.40
N ASP D 149 -39.27 12.89 11.97
CA ASP D 149 -40.35 13.41 12.80
C ASP D 149 -40.03 14.82 13.26
N LYS D 150 -40.66 15.26 14.34
CA LYS D 150 -40.30 16.42 15.18
C LYS D 150 -39.23 17.37 14.68
#